data_3LOZ
# 
_entry.id   3LOZ 
# 
_audit_conform.dict_name       mmcif_pdbx.dic 
_audit_conform.dict_version    5.387 
_audit_conform.dict_location   http://mmcif.pdb.org/dictionaries/ascii/mmcif_pdbx.dic 
# 
loop_
_database_2.database_id 
_database_2.database_code 
_database_2.pdbx_database_accession 
_database_2.pdbx_DOI 
PDB   3LOZ         pdb_00003loz 10.2210/pdb3loz/pdb 
RCSB  RCSB057549   ?            ?                   
WWPDB D_1000057549 ?            ?                   
# 
loop_
_pdbx_audit_revision_history.ordinal 
_pdbx_audit_revision_history.data_content_type 
_pdbx_audit_revision_history.major_revision 
_pdbx_audit_revision_history.minor_revision 
_pdbx_audit_revision_history.revision_date 
1 'Structure model' 1 0 2010-12-08 
2 'Structure model' 1 1 2011-07-13 
3 'Structure model' 1 2 2012-09-19 
4 'Structure model' 1 3 2017-11-01 
5 'Structure model' 1 4 2024-02-21 
# 
_pdbx_audit_revision_details.ordinal             1 
_pdbx_audit_revision_details.revision_ordinal    1 
_pdbx_audit_revision_details.data_content_type   'Structure model' 
_pdbx_audit_revision_details.provider            repository 
_pdbx_audit_revision_details.type                'Initial release' 
_pdbx_audit_revision_details.description         ? 
_pdbx_audit_revision_details.details             ? 
# 
loop_
_pdbx_audit_revision_group.ordinal 
_pdbx_audit_revision_group.revision_ordinal 
_pdbx_audit_revision_group.data_content_type 
_pdbx_audit_revision_group.group 
1 2 'Structure model' 'Version format compliance' 
2 3 'Structure model' 'Database references'       
3 4 'Structure model' Advisory                    
4 4 'Structure model' 'Refinement description'    
5 5 'Structure model' Advisory                    
6 5 'Structure model' 'Data collection'           
7 5 'Structure model' 'Database references'       
# 
loop_
_pdbx_audit_revision_category.ordinal 
_pdbx_audit_revision_category.revision_ordinal 
_pdbx_audit_revision_category.data_content_type 
_pdbx_audit_revision_category.category 
1 4 'Structure model' pdbx_unobs_or_zero_occ_atoms 
2 4 'Structure model' software                     
3 5 'Structure model' chem_comp_atom               
4 5 'Structure model' chem_comp_bond               
5 5 'Structure model' database_2                   
6 5 'Structure model' pdbx_unobs_or_zero_occ_atoms 
# 
loop_
_pdbx_audit_revision_item.ordinal 
_pdbx_audit_revision_item.revision_ordinal 
_pdbx_audit_revision_item.data_content_type 
_pdbx_audit_revision_item.item 
1  4 'Structure model' '_software.classification'            
2  4 'Structure model' '_software.contact_author'            
3  4 'Structure model' '_software.contact_author_email'      
4  4 'Structure model' '_software.date'                      
5  4 'Structure model' '_software.language'                  
6  4 'Structure model' '_software.location'                  
7  4 'Structure model' '_software.name'                      
8  4 'Structure model' '_software.type'                      
9  4 'Structure model' '_software.version'                   
10 5 'Structure model' '_database_2.pdbx_DOI'                
11 5 'Structure model' '_database_2.pdbx_database_accession' 
# 
_pdbx_database_status.entry_id                        3LOZ 
_pdbx_database_status.status_code                     REL 
_pdbx_database_status.deposit_site                    RCSB 
_pdbx_database_status.process_site                    RCSB 
_pdbx_database_status.recvd_initial_deposition_date   2010-02-04 
_pdbx_database_status.status_code_sf                  REL 
_pdbx_database_status.status_code_mr                  ? 
_pdbx_database_status.SG_entry                        ? 
_pdbx_database_status.status_code_cs                  ? 
_pdbx_database_status.pdb_format_compatible           Y 
_pdbx_database_status.methods_development_category    ? 
_pdbx_database_status.status_code_nmr_data            ? 
# 
_pdbx_database_related.db_name        PDB 
_pdbx_database_related.db_id          3LOW 
_pdbx_database_related.details        . 
_pdbx_database_related.content_type   unspecified 
# 
loop_
_audit_author.name 
_audit_author.pdbx_ordinal 
'Liu, C.'       1 
'Sawaya, M.'    2 
'Eisenberg, D.' 3 
# 
_citation.id                        primary 
_citation.title                     
'Beta2-microglobulin forms three-dimensional domain-swapped amyloid fibrils with disulfide linkages.' 
_citation.journal_abbrev            Nat.Struct.Mol.Biol. 
_citation.journal_volume            18 
_citation.page_first                49 
_citation.page_last                 55 
_citation.year                      2011 
_citation.journal_id_ASTM           ? 
_citation.country                   US 
_citation.journal_id_ISSN           1545-9993 
_citation.journal_id_CSD            ? 
_citation.book_publisher            ? 
_citation.pdbx_database_id_PubMed   21131979 
_citation.pdbx_database_id_DOI      10.1038/nsmb.1948 
# 
loop_
_citation_author.citation_id 
_citation_author.name 
_citation_author.ordinal 
_citation_author.identifier_ORCID 
primary 'Liu, C.'       1 ? 
primary 'Sawaya, M.R.'  2 ? 
primary 'Eisenberg, D.' 3 ? 
# 
loop_
_entity.id 
_entity.type 
_entity.src_method 
_entity.pdbx_description 
_entity.formula_weight 
_entity.pdbx_number_of_molecules 
_entity.pdbx_ec 
_entity.pdbx_mutation 
_entity.pdbx_fragment 
_entity.details 
1 polymer syn 'Beta-2-microglobulin segment LSFSKD' 696.770 4  ? ? ? ? 
2 water   nat water                                 18.015  17 ? ? ? ? 
# 
_entity_poly.entity_id                      1 
_entity_poly.type                           'polypeptide(L)' 
_entity_poly.nstd_linkage                   no 
_entity_poly.nstd_monomer                   no 
_entity_poly.pdbx_seq_one_letter_code       LSFSKD 
_entity_poly.pdbx_seq_one_letter_code_can   LSFSKD 
_entity_poly.pdbx_strand_id                 A,B,C,D 
_entity_poly.pdbx_target_identifier         ? 
# 
_pdbx_entity_nonpoly.entity_id   2 
_pdbx_entity_nonpoly.name        water 
_pdbx_entity_nonpoly.comp_id     HOH 
# 
loop_
_entity_poly_seq.entity_id 
_entity_poly_seq.num 
_entity_poly_seq.mon_id 
_entity_poly_seq.hetero 
1 1 LEU n 
1 2 SER n 
1 3 PHE n 
1 4 SER n 
1 5 LYS n 
1 6 ASP n 
# 
loop_
_chem_comp.id 
_chem_comp.type 
_chem_comp.mon_nstd_flag 
_chem_comp.name 
_chem_comp.pdbx_synonyms 
_chem_comp.formula 
_chem_comp.formula_weight 
ASP 'L-peptide linking' y 'ASPARTIC ACID' ? 'C4 H7 N O4'     133.103 
HOH non-polymer         . WATER           ? 'H2 O'           18.015  
LEU 'L-peptide linking' y LEUCINE         ? 'C6 H13 N O2'    131.173 
LYS 'L-peptide linking' y LYSINE          ? 'C6 H15 N2 O2 1' 147.195 
PHE 'L-peptide linking' y PHENYLALANINE   ? 'C9 H11 N O2'    165.189 
SER 'L-peptide linking' y SERINE          ? 'C3 H7 N O3'     105.093 
# 
loop_
_pdbx_poly_seq_scheme.asym_id 
_pdbx_poly_seq_scheme.entity_id 
_pdbx_poly_seq_scheme.seq_id 
_pdbx_poly_seq_scheme.mon_id 
_pdbx_poly_seq_scheme.ndb_seq_num 
_pdbx_poly_seq_scheme.pdb_seq_num 
_pdbx_poly_seq_scheme.auth_seq_num 
_pdbx_poly_seq_scheme.pdb_mon_id 
_pdbx_poly_seq_scheme.auth_mon_id 
_pdbx_poly_seq_scheme.pdb_strand_id 
_pdbx_poly_seq_scheme.pdb_ins_code 
_pdbx_poly_seq_scheme.hetero 
A 1 1 LEU 1 1 1 LEU LEU A . n 
A 1 2 SER 2 2 2 SER SER A . n 
A 1 3 PHE 3 3 3 PHE PHE A . n 
A 1 4 SER 4 4 4 SER SER A . n 
A 1 5 LYS 5 5 5 LYS LYS A . n 
A 1 6 ASP 6 6 6 ASP ASP A . n 
B 1 1 LEU 1 1 1 LEU LEU B . n 
B 1 2 SER 2 2 2 SER SER B . n 
B 1 3 PHE 3 3 3 PHE PHE B . n 
B 1 4 SER 4 4 4 SER SER B . n 
B 1 5 LYS 5 5 5 LYS LYS B . n 
B 1 6 ASP 6 6 6 ASP ASP B . n 
C 1 1 LEU 1 1 1 LEU LEU C . n 
C 1 2 SER 2 2 2 SER SER C . n 
C 1 3 PHE 3 3 3 PHE PHE C . n 
C 1 4 SER 4 4 4 SER SER C . n 
C 1 5 LYS 5 5 5 LYS LYS C . n 
C 1 6 ASP 6 6 6 ASP ASP C . n 
D 1 1 LEU 1 1 1 LEU LEU D . n 
D 1 2 SER 2 2 2 SER SER D . n 
D 1 3 PHE 3 3 3 PHE PHE D . n 
D 1 4 SER 4 4 4 SER SER D . n 
D 1 5 LYS 5 5 5 LYS LYS D . n 
D 1 6 ASP 6 6 6 ASP ASP D . n 
# 
loop_
_pdbx_nonpoly_scheme.asym_id 
_pdbx_nonpoly_scheme.entity_id 
_pdbx_nonpoly_scheme.mon_id 
_pdbx_nonpoly_scheme.ndb_seq_num 
_pdbx_nonpoly_scheme.pdb_seq_num 
_pdbx_nonpoly_scheme.auth_seq_num 
_pdbx_nonpoly_scheme.pdb_mon_id 
_pdbx_nonpoly_scheme.auth_mon_id 
_pdbx_nonpoly_scheme.pdb_strand_id 
_pdbx_nonpoly_scheme.pdb_ins_code 
E 2 HOH 1 7  4  HOH HOH A . 
E 2 HOH 2 12 12 HOH HOH A . 
E 2 HOH 3 13 13 HOH HOH A . 
E 2 HOH 4 17 17 HOH HOH A . 
F 2 HOH 1 7  7  HOH HOH B . 
F 2 HOH 2 8  5  HOH HOH B . 
F 2 HOH 3 9  6  HOH HOH B . 
F 2 HOH 4 10 10 HOH HOH B . 
F 2 HOH 5 16 16 HOH HOH B . 
G 2 HOH 1 8  8  HOH HOH C . 
G 2 HOH 2 14 14 HOH HOH C . 
G 2 HOH 3 15 15 HOH HOH C . 
H 2 HOH 1 7  1  HOH HOH D . 
H 2 HOH 2 8  2  HOH HOH D . 
H 2 HOH 3 9  9  HOH HOH D . 
H 2 HOH 4 10 3  HOH HOH D . 
H 2 HOH 5 11 11 HOH HOH D . 
# 
loop_
_pdbx_unobs_or_zero_occ_atoms.id 
_pdbx_unobs_or_zero_occ_atoms.PDB_model_num 
_pdbx_unobs_or_zero_occ_atoms.polymer_flag 
_pdbx_unobs_or_zero_occ_atoms.occupancy_flag 
_pdbx_unobs_or_zero_occ_atoms.auth_asym_id 
_pdbx_unobs_or_zero_occ_atoms.auth_comp_id 
_pdbx_unobs_or_zero_occ_atoms.auth_seq_id 
_pdbx_unobs_or_zero_occ_atoms.PDB_ins_code 
_pdbx_unobs_or_zero_occ_atoms.auth_atom_id 
_pdbx_unobs_or_zero_occ_atoms.label_alt_id 
_pdbx_unobs_or_zero_occ_atoms.label_asym_id 
_pdbx_unobs_or_zero_occ_atoms.label_comp_id 
_pdbx_unobs_or_zero_occ_atoms.label_seq_id 
_pdbx_unobs_or_zero_occ_atoms.label_atom_id 
1 1 Y 0 D SER 4 ? CA B D SER 4 CA 
2 1 Y 0 D SER 4 ? CB B D SER 4 CB 
3 1 Y 0 D SER 4 ? OG B D SER 4 OG 
# 
loop_
_software.pdbx_ordinal 
_software.name 
_software.version 
_software.date 
_software.type 
_software.contact_author 
_software.contact_author_email 
_software.classification 
_software.location 
_software.language 
_software.citation_id 
1 DENZO       .        ?               package 'Zbyszek Otwinowski' hkl@hkl-xray.com            'data reduction'  
http://www.hkl-xray.com/                     ?          ? 
2 SCALEPACK   .        ?               package 'Zbyszek Otwinowski' hkl@hkl-xray.com            'data scaling'    
http://www.hkl-xray.com/                     ?          ? 
3 PHASER      .        ?               program 'Randy J. Read'      cimr-phaser@lists.cam.ac.uk phasing           
http://www-structmed.cimr.cam.ac.uk/phaser/  ?          ? 
4 REFMAC      5.5.0072 ?               program 'Garib N. Murshudov' garib@ysbl.york.ac.uk       refinement        
http://www.ccp4.ac.uk/dist/html/refmac5.html Fortran_77 ? 
5 PDB_EXTRACT 3.005    'June 11, 2008' package PDB                  help@deposit.rcsb.org       'data extraction' 
http://sw-tools.pdb.org/apps/PDB_EXTRACT/    C++        ? 
6 XSCALE      .        ?               ?       ?                    ?                           'data scaling'    ? ?          ? 
# 
_cell.length_a           9.425 
_cell.length_b           21.482 
_cell.length_c           45.731 
_cell.angle_alpha        90.000 
_cell.angle_beta         90.02 
_cell.angle_gamma        90.000 
_cell.entry_id           3LOZ 
_cell.pdbx_unique_axis   ? 
_cell.Z_PDB              8 
_cell.length_a_esd       ? 
_cell.length_b_esd       ? 
_cell.length_c_esd       ? 
_cell.angle_alpha_esd    ? 
_cell.angle_beta_esd     ? 
_cell.angle_gamma_esd    ? 
# 
_symmetry.space_group_name_H-M             'P 1 21 1' 
_symmetry.entry_id                         3LOZ 
_symmetry.Int_Tables_number                4 
_symmetry.pdbx_full_space_group_name_H-M   ? 
_symmetry.cell_setting                     ? 
_symmetry.space_group_name_Hall            ? 
# 
_exptl.crystals_number   1 
_exptl.entry_id          3LOZ 
_exptl.method            'X-RAY DIFFRACTION' 
# 
_exptl_crystal.id                    1 
_exptl_crystal.density_Matthews      1.66 
_exptl_crystal.density_meas          ? 
_exptl_crystal.density_percent_sol   25.95 
_exptl_crystal.description           ? 
_exptl_crystal.F_000                 ? 
_exptl_crystal.preparation           ? 
# 
_diffrn.id                     1 
_diffrn.ambient_temp           ? 
_diffrn.ambient_temp_details   ? 
_diffrn.crystal_id             1 
# 
_diffrn_radiation.diffrn_id                        1 
_diffrn_radiation.pdbx_diffrn_protocol             'SINGLE WAVELENGTH' 
_diffrn_radiation.monochromator                    ? 
_diffrn_radiation.wavelength_id                    1 
_diffrn_radiation.pdbx_monochromatic_or_laue_m_l   M 
_diffrn_radiation.pdbx_scattering_type             x-ray 
# 
_diffrn_radiation_wavelength.id           1 
_diffrn_radiation_wavelength.wavelength   0.97910 
_diffrn_radiation_wavelength.wt           1.0 
# 
_diffrn_source.diffrn_id                   1 
_diffrn_source.source                      SYNCHROTRON 
_diffrn_source.type                        'APS BEAMLINE 24-ID-E' 
_diffrn_source.pdbx_wavelength_list        0.97910 
_diffrn_source.pdbx_wavelength             ? 
_diffrn_source.pdbx_synchrotron_site       APS 
_diffrn_source.pdbx_synchrotron_beamline   24-ID-E 
# 
_reflns.entry_id                     3LOZ 
_reflns.d_resolution_high            1.800 
_reflns.d_resolution_low             80.000 
_reflns.number_obs                   1656 
_reflns.pdbx_Rmerge_I_obs            0.118 
_reflns.pdbx_netI_over_sigmaI        8.300 
_reflns.pdbx_chi_squared             2.393 
_reflns.pdbx_redundancy              3.800 
_reflns.percent_possible_obs         93.700 
_reflns.observed_criterion_sigma_F   ? 
_reflns.observed_criterion_sigma_I   ? 
_reflns.number_all                   ? 
_reflns.pdbx_Rsym_value              ? 
_reflns.B_iso_Wilson_estimate        ? 
_reflns.R_free_details               ? 
_reflns.limit_h_max                  ? 
_reflns.limit_h_min                  ? 
_reflns.limit_k_max                  ? 
_reflns.limit_k_min                  ? 
_reflns.limit_l_max                  ? 
_reflns.limit_l_min                  ? 
_reflns.observed_criterion_F_max     ? 
_reflns.observed_criterion_F_min     ? 
_reflns.pdbx_scaling_rejects         ? 
_reflns.pdbx_ordinal                 1 
_reflns.pdbx_diffrn_id               1 
# 
loop_
_reflns_shell.d_res_high 
_reflns_shell.d_res_low 
_reflns_shell.number_measured_obs 
_reflns_shell.number_measured_all 
_reflns_shell.number_unique_obs 
_reflns_shell.Rmerge_I_obs 
_reflns_shell.meanI_over_sigI_obs 
_reflns_shell.pdbx_Rsym_value 
_reflns_shell.pdbx_chi_squared 
_reflns_shell.pdbx_redundancy 
_reflns_shell.percent_possible_obs 
_reflns_shell.number_unique_all 
_reflns_shell.percent_possible_all 
_reflns_shell.pdbx_ordinal 
_reflns_shell.pdbx_diffrn_id 
1.80 1.86  ? ? ? 0.501 ? ? 2.094 3.70 ? 150 82.00  1  1 
1.86 1.94  ? ? ? 0.329 ? ? 2.411 3.60 ? 133 82.10  2  1 
1.94 2.03  ? ? ? 0.247 ? ? 2.325 3.70 ? 147 88.60  3  1 
2.03 2.13  ? ? ? 0.203 ? ? 2.719 3.70 ? 158 92.90  4  1 
2.13 2.27  ? ? ? 0.215 ? ? 2.135 3.90 ? 174 97.20  5  1 
2.27 2.44  ? ? ? 0.205 ? ? 2.493 4.10 ? 187 98.90  6  1 
2.44 2.69  ? ? ? 0.189 ? ? 2.313 4.30 ? 163 100.00 7  1 
2.69 3.08  ? ? ? 0.121 ? ? 2.928 4.00 ? 184 98.90  8  1 
3.08 3.88  ? ? ? 0.076 ? ? 2.449 3.60 ? 172 98.90  9  1 
3.88 80.00 ? ? ? 0.036 ? ? 1.980 3.50 ? 188 96.40  10 1 
# 
_refine.entry_id                                 3LOZ 
_refine.ls_d_res_high                            1.800 
_refine.ls_d_res_low                             22.860 
_refine.pdbx_ls_sigma_F                          0.00 
_refine.pdbx_data_cutoff_high_absF               ? 
_refine.pdbx_data_cutoff_low_absF                ? 
_refine.ls_percent_reflns_obs                    95.990 
_refine.ls_number_reflns_obs                     1499 
_refine.ls_number_reflns_all                     ? 
_refine.pdbx_ls_cross_valid_method               THROUGHOUT 
_refine.pdbx_R_Free_selection_details            RANDOM 
_refine.details                                  'HYDROGENS HAVE BEEN ADDED IN THE RIDING POSITIONS. U VALUES REFINED INDIVIDUALLY' 
_refine.ls_R_factor_all                          ? 
_refine.ls_R_factor_obs                          0.219 
_refine.ls_R_factor_R_work                       0.216 
_refine.ls_wR_factor_R_work                      ? 
_refine.ls_R_factor_R_free                       0.241 
_refine.ls_wR_factor_R_free                      ? 
_refine.ls_percent_reflns_R_free                 10.500 
_refine.ls_number_reflns_R_free                  175 
_refine.ls_R_factor_R_free_error                 ? 
_refine.B_iso_mean                               16.931 
_refine.solvent_model_param_bsol                 ? 
_refine.solvent_model_param_ksol                 ? 
_refine.pdbx_isotropic_thermal_model             ? 
_refine.aniso_B[1][1]                            -2.250 
_refine.aniso_B[2][2]                            4.130 
_refine.aniso_B[3][3]                            -1.880 
_refine.aniso_B[1][2]                            0.000 
_refine.aniso_B[1][3]                            0.050 
_refine.aniso_B[2][3]                            0.000 
_refine.correlation_coeff_Fo_to_Fc               0.953 
_refine.correlation_coeff_Fo_to_Fc_free          0.971 
_refine.overall_SU_R_Cruickshank_DPI             ? 
_refine.overall_SU_R_free                        ? 
_refine.pdbx_overall_ESU_R                       0.242 
_refine.pdbx_overall_ESU_R_Free                  0.174 
_refine.overall_SU_ML                            0.136 
_refine.overall_SU_B                             4.689 
_refine.solvent_model_details                    MASK 
_refine.pdbx_solvent_vdw_probe_radii             1.400 
_refine.pdbx_solvent_ion_probe_radii             0.800 
_refine.pdbx_solvent_shrinkage_radii             0.800 
_refine.ls_number_parameters                     ? 
_refine.ls_number_restraints                     ? 
_refine.pdbx_starting_model                      ? 
_refine.pdbx_method_to_determine_struct          'MOLECULAR REPLACEMENT' 
_refine.pdbx_stereochemistry_target_values       'MAXIMUM LIKELIHOOD' 
_refine.pdbx_stereochem_target_val_spec_case     ? 
_refine.overall_FOM_work_R_set                   ? 
_refine.B_iso_max                                34.22 
_refine.B_iso_min                                8.43 
_refine.occupancy_max                            1.00 
_refine.occupancy_min                            0.00 
_refine.pdbx_ls_sigma_I                          ? 
_refine.ls_redundancy_reflns_obs                 ? 
_refine.ls_R_factor_R_free_error_details         ? 
_refine.pdbx_data_cutoff_high_rms_absF           ? 
_refine.overall_FOM_free_R_set                   ? 
_refine.pdbx_overall_phase_error                 ? 
_refine.pdbx_refine_id                           'X-RAY DIFFRACTION' 
_refine.pdbx_diffrn_id                           1 
_refine.pdbx_TLS_residual_ADP_flag               ? 
_refine.pdbx_overall_SU_R_free_Cruickshank_DPI   ? 
_refine.pdbx_overall_SU_R_Blow_DPI               ? 
_refine.pdbx_overall_SU_R_free_Blow_DPI          ? 
# 
_refine_hist.pdbx_refine_id                   'X-RAY DIFFRACTION' 
_refine_hist.cycle_id                         LAST 
_refine_hist.pdbx_number_atoms_protein        196 
_refine_hist.pdbx_number_atoms_nucleic_acid   0 
_refine_hist.pdbx_number_atoms_ligand         0 
_refine_hist.number_atoms_solvent             17 
_refine_hist.number_atoms_total               213 
_refine_hist.d_res_high                       1.800 
_refine_hist.d_res_low                        22.860 
# 
loop_
_refine_ls_restr.type 
_refine_ls_restr.number 
_refine_ls_restr.dev_ideal 
_refine_ls_restr.dev_ideal_target 
_refine_ls_restr.weight 
_refine_ls_restr.pdbx_refine_id 
_refine_ls_restr.pdbx_restraint_function 
r_bond_refined_d       204 0.006  0.022  ? 'X-RAY DIFFRACTION' ? 
r_bond_other_d         146 0.001  0.020  ? 'X-RAY DIFFRACTION' ? 
r_angle_refined_deg    270 0.979  2.045  ? 'X-RAY DIFFRACTION' ? 
r_angle_other_deg      362 0.659  3.000  ? 'X-RAY DIFFRACTION' ? 
r_dihedral_angle_1_deg 24  5.188  5.000  ? 'X-RAY DIFFRACTION' ? 
r_dihedral_angle_2_deg 8   28.297 25.000 ? 'X-RAY DIFFRACTION' ? 
r_dihedral_angle_3_deg 42  12.992 15.000 ? 'X-RAY DIFFRACTION' ? 
r_chiral_restr         30  0.066  0.200  ? 'X-RAY DIFFRACTION' ? 
r_gen_planes_refined   214 0.003  0.020  ? 'X-RAY DIFFRACTION' ? 
r_gen_planes_other     42  0.001  0.020  ? 'X-RAY DIFFRACTION' ? 
r_mcbond_it            126 1.002  1.500  ? 'X-RAY DIFFRACTION' ? 
r_mcbond_other         46  0.272  1.500  ? 'X-RAY DIFFRACTION' ? 
r_mcangle_it           200 2.044  2.000  ? 'X-RAY DIFFRACTION' ? 
r_scbond_it            78  2.609  3.000  ? 'X-RAY DIFFRACTION' ? 
r_scangle_it           68  3.404  4.500  ? 'X-RAY DIFFRACTION' ? 
# 
_refine_ls_shell.d_res_high                       1.800 
_refine_ls_shell.d_res_low                        1.847 
_refine_ls_shell.pdbx_total_number_of_bins_used   20 
_refine_ls_shell.percent_reflns_obs               84.250 
_refine_ls_shell.number_reflns_R_work             97 
_refine_ls_shell.R_factor_all                     ? 
_refine_ls_shell.R_factor_R_work                  0.257 
_refine_ls_shell.R_factor_R_free                  0.281 
_refine_ls_shell.percent_reflns_R_free            ? 
_refine_ls_shell.number_reflns_R_free             10 
_refine_ls_shell.R_factor_R_free_error            ? 
_refine_ls_shell.number_reflns_all                107 
_refine_ls_shell.number_reflns_obs                ? 
_refine_ls_shell.redundancy_reflns_obs            ? 
_refine_ls_shell.pdbx_refine_id                   'X-RAY DIFFRACTION' 
# 
_struct.entry_id                  3LOZ 
_struct.title                     'Crystal structure of Beta 2 Microglobulin amyloidogenic segment LSFSKD' 
_struct.pdbx_model_details        ? 
_struct.pdbx_CASP_flag            ? 
_struct.pdbx_model_type_details   ? 
# 
_struct_keywords.entry_id        3LOZ 
_struct_keywords.text            'steric zipper, beta spine, beta 2 microglobulin, PROTEIN FIBRIL' 
_struct_keywords.pdbx_keywords   'PROTEIN FIBRIL' 
# 
loop_
_struct_asym.id 
_struct_asym.pdbx_blank_PDB_chainid_flag 
_struct_asym.pdbx_modified 
_struct_asym.entity_id 
_struct_asym.details 
A N N 1 ? 
B N N 1 ? 
C N N 1 ? 
D N N 1 ? 
E N N 2 ? 
F N N 2 ? 
G N N 2 ? 
H N N 2 ? 
# 
_struct_ref.id                         1 
_struct_ref.db_name                    UNP 
_struct_ref.db_code                    B2MG_HUMAN 
_struct_ref.pdbx_db_accession          P61769 
_struct_ref.entity_id                  1 
_struct_ref.pdbx_seq_one_letter_code   LSFSKD 
_struct_ref.pdbx_align_begin           74 
_struct_ref.pdbx_db_isoform            ? 
# 
loop_
_struct_ref_seq.align_id 
_struct_ref_seq.ref_id 
_struct_ref_seq.pdbx_PDB_id_code 
_struct_ref_seq.pdbx_strand_id 
_struct_ref_seq.seq_align_beg 
_struct_ref_seq.pdbx_seq_align_beg_ins_code 
_struct_ref_seq.seq_align_end 
_struct_ref_seq.pdbx_seq_align_end_ins_code 
_struct_ref_seq.pdbx_db_accession 
_struct_ref_seq.db_align_beg 
_struct_ref_seq.pdbx_db_align_beg_ins_code 
_struct_ref_seq.db_align_end 
_struct_ref_seq.pdbx_db_align_end_ins_code 
_struct_ref_seq.pdbx_auth_seq_align_beg 
_struct_ref_seq.pdbx_auth_seq_align_end 
1 1 3LOZ A 1 ? 6 ? P61769 74 ? 79 ? 1 6 
2 1 3LOZ B 1 ? 6 ? P61769 74 ? 79 ? 1 6 
3 1 3LOZ C 1 ? 6 ? P61769 74 ? 79 ? 1 6 
4 1 3LOZ D 1 ? 6 ? P61769 74 ? 79 ? 1 6 
# 
_pdbx_struct_assembly.id                   1 
_pdbx_struct_assembly.details              author_defined_assembly 
_pdbx_struct_assembly.method_details       ? 
_pdbx_struct_assembly.oligomeric_details   octameric 
_pdbx_struct_assembly.oligomeric_count     8 
# 
loop_
_pdbx_struct_assembly_gen.assembly_id 
_pdbx_struct_assembly_gen.oper_expression 
_pdbx_struct_assembly_gen.asym_id_list 
1 1 A,B,E,F         
1 3 C,D,G,H         
1 2 A,B,C,D,E,F,G,H 
# 
loop_
_pdbx_struct_oper_list.id 
_pdbx_struct_oper_list.type 
_pdbx_struct_oper_list.name 
_pdbx_struct_oper_list.symmetry_operation 
_pdbx_struct_oper_list.matrix[1][1] 
_pdbx_struct_oper_list.matrix[1][2] 
_pdbx_struct_oper_list.matrix[1][3] 
_pdbx_struct_oper_list.vector[1] 
_pdbx_struct_oper_list.matrix[2][1] 
_pdbx_struct_oper_list.matrix[2][2] 
_pdbx_struct_oper_list.matrix[2][3] 
_pdbx_struct_oper_list.vector[2] 
_pdbx_struct_oper_list.matrix[3][1] 
_pdbx_struct_oper_list.matrix[3][2] 
_pdbx_struct_oper_list.matrix[3][3] 
_pdbx_struct_oper_list.vector[3] 
1 'crystal symmetry operation' 1_455 x-1,y,z 1.0000000000 0.0000000000 0.0000000000 -2.6680209160 0.0000000000 1.0000000000 0.0000000000 9.0329255862  0.0000000000 0.0000000000 1.0000000000 0.3443032747  
2 'identity operation'         1_555 x,y,z   1.0000000000 0.0000000000 0.0000000000 0.0000000000  0.0000000000 1.0000000000 0.0000000000 0.0000000000  0.0000000000 0.0000000000 1.0000000000 0.0000000000  
3 'crystal symmetry operation' 1_655 x+1,y,z 1.0000000000 0.0000000000 0.0000000000 2.6680209160  0.0000000000 1.0000000000 0.0000000000 -9.0329255862 0.0000000000 0.0000000000 1.0000000000 -0.3443032747 
# 
_struct_biol.id        1 
_struct_biol.details   ? 
# 
loop_
_struct_sheet.id 
_struct_sheet.type 
_struct_sheet.number_strands 
_struct_sheet.details 
A ? 2 ? 
B ? 2 ? 
# 
loop_
_struct_sheet_order.sheet_id 
_struct_sheet_order.range_id_1 
_struct_sheet_order.range_id_2 
_struct_sheet_order.offset 
_struct_sheet_order.sense 
A 1 2 ? anti-parallel 
B 1 2 ? anti-parallel 
# 
loop_
_struct_sheet_range.sheet_id 
_struct_sheet_range.id 
_struct_sheet_range.beg_label_comp_id 
_struct_sheet_range.beg_label_asym_id 
_struct_sheet_range.beg_label_seq_id 
_struct_sheet_range.pdbx_beg_PDB_ins_code 
_struct_sheet_range.end_label_comp_id 
_struct_sheet_range.end_label_asym_id 
_struct_sheet_range.end_label_seq_id 
_struct_sheet_range.pdbx_end_PDB_ins_code 
_struct_sheet_range.beg_auth_comp_id 
_struct_sheet_range.beg_auth_asym_id 
_struct_sheet_range.beg_auth_seq_id 
_struct_sheet_range.end_auth_comp_id 
_struct_sheet_range.end_auth_asym_id 
_struct_sheet_range.end_auth_seq_id 
A 1 SER A 2 ? SER A 4 ? SER A 2 SER A 4 
A 2 SER B 2 ? SER B 4 ? SER B 2 SER B 4 
B 1 SER C 2 ? SER C 4 ? SER C 2 SER C 4 
B 2 SER D 2 ? SER D 4 ? SER D 2 SER D 4 
# 
loop_
_pdbx_struct_sheet_hbond.sheet_id 
_pdbx_struct_sheet_hbond.range_id_1 
_pdbx_struct_sheet_hbond.range_id_2 
_pdbx_struct_sheet_hbond.range_1_label_atom_id 
_pdbx_struct_sheet_hbond.range_1_label_comp_id 
_pdbx_struct_sheet_hbond.range_1_label_asym_id 
_pdbx_struct_sheet_hbond.range_1_label_seq_id 
_pdbx_struct_sheet_hbond.range_1_PDB_ins_code 
_pdbx_struct_sheet_hbond.range_1_auth_atom_id 
_pdbx_struct_sheet_hbond.range_1_auth_comp_id 
_pdbx_struct_sheet_hbond.range_1_auth_asym_id 
_pdbx_struct_sheet_hbond.range_1_auth_seq_id 
_pdbx_struct_sheet_hbond.range_2_label_atom_id 
_pdbx_struct_sheet_hbond.range_2_label_comp_id 
_pdbx_struct_sheet_hbond.range_2_label_asym_id 
_pdbx_struct_sheet_hbond.range_2_label_seq_id 
_pdbx_struct_sheet_hbond.range_2_PDB_ins_code 
_pdbx_struct_sheet_hbond.range_2_auth_atom_id 
_pdbx_struct_sheet_hbond.range_2_auth_comp_id 
_pdbx_struct_sheet_hbond.range_2_auth_asym_id 
_pdbx_struct_sheet_hbond.range_2_auth_seq_id 
A 1 2 N PHE A 3 ? N PHE A 3 O PHE B 3 ? O PHE B 3 
B 1 2 N PHE C 3 ? N PHE C 3 O PHE D 3 ? O PHE D 3 
# 
_phasing.method   MR 
# 
loop_
_chem_comp_atom.comp_id 
_chem_comp_atom.atom_id 
_chem_comp_atom.type_symbol 
_chem_comp_atom.pdbx_aromatic_flag 
_chem_comp_atom.pdbx_stereo_config 
_chem_comp_atom.pdbx_ordinal 
ASP N    N N N 1   
ASP CA   C N S 2   
ASP C    C N N 3   
ASP O    O N N 4   
ASP CB   C N N 5   
ASP CG   C N N 6   
ASP OD1  O N N 7   
ASP OD2  O N N 8   
ASP OXT  O N N 9   
ASP H    H N N 10  
ASP H2   H N N 11  
ASP HA   H N N 12  
ASP HB2  H N N 13  
ASP HB3  H N N 14  
ASP HD2  H N N 15  
ASP HXT  H N N 16  
HOH O    O N N 17  
HOH H1   H N N 18  
HOH H2   H N N 19  
LEU N    N N N 20  
LEU CA   C N S 21  
LEU C    C N N 22  
LEU O    O N N 23  
LEU CB   C N N 24  
LEU CG   C N N 25  
LEU CD1  C N N 26  
LEU CD2  C N N 27  
LEU OXT  O N N 28  
LEU H    H N N 29  
LEU H2   H N N 30  
LEU HA   H N N 31  
LEU HB2  H N N 32  
LEU HB3  H N N 33  
LEU HG   H N N 34  
LEU HD11 H N N 35  
LEU HD12 H N N 36  
LEU HD13 H N N 37  
LEU HD21 H N N 38  
LEU HD22 H N N 39  
LEU HD23 H N N 40  
LEU HXT  H N N 41  
LYS N    N N N 42  
LYS CA   C N S 43  
LYS C    C N N 44  
LYS O    O N N 45  
LYS CB   C N N 46  
LYS CG   C N N 47  
LYS CD   C N N 48  
LYS CE   C N N 49  
LYS NZ   N N N 50  
LYS OXT  O N N 51  
LYS H    H N N 52  
LYS H2   H N N 53  
LYS HA   H N N 54  
LYS HB2  H N N 55  
LYS HB3  H N N 56  
LYS HG2  H N N 57  
LYS HG3  H N N 58  
LYS HD2  H N N 59  
LYS HD3  H N N 60  
LYS HE2  H N N 61  
LYS HE3  H N N 62  
LYS HZ1  H N N 63  
LYS HZ2  H N N 64  
LYS HZ3  H N N 65  
LYS HXT  H N N 66  
PHE N    N N N 67  
PHE CA   C N S 68  
PHE C    C N N 69  
PHE O    O N N 70  
PHE CB   C N N 71  
PHE CG   C Y N 72  
PHE CD1  C Y N 73  
PHE CD2  C Y N 74  
PHE CE1  C Y N 75  
PHE CE2  C Y N 76  
PHE CZ   C Y N 77  
PHE OXT  O N N 78  
PHE H    H N N 79  
PHE H2   H N N 80  
PHE HA   H N N 81  
PHE HB2  H N N 82  
PHE HB3  H N N 83  
PHE HD1  H N N 84  
PHE HD2  H N N 85  
PHE HE1  H N N 86  
PHE HE2  H N N 87  
PHE HZ   H N N 88  
PHE HXT  H N N 89  
SER N    N N N 90  
SER CA   C N S 91  
SER C    C N N 92  
SER O    O N N 93  
SER CB   C N N 94  
SER OG   O N N 95  
SER OXT  O N N 96  
SER H    H N N 97  
SER H2   H N N 98  
SER HA   H N N 99  
SER HB2  H N N 100 
SER HB3  H N N 101 
SER HG   H N N 102 
SER HXT  H N N 103 
# 
loop_
_chem_comp_bond.comp_id 
_chem_comp_bond.atom_id_1 
_chem_comp_bond.atom_id_2 
_chem_comp_bond.value_order 
_chem_comp_bond.pdbx_aromatic_flag 
_chem_comp_bond.pdbx_stereo_config 
_chem_comp_bond.pdbx_ordinal 
ASP N   CA   sing N N 1  
ASP N   H    sing N N 2  
ASP N   H2   sing N N 3  
ASP CA  C    sing N N 4  
ASP CA  CB   sing N N 5  
ASP CA  HA   sing N N 6  
ASP C   O    doub N N 7  
ASP C   OXT  sing N N 8  
ASP CB  CG   sing N N 9  
ASP CB  HB2  sing N N 10 
ASP CB  HB3  sing N N 11 
ASP CG  OD1  doub N N 12 
ASP CG  OD2  sing N N 13 
ASP OD2 HD2  sing N N 14 
ASP OXT HXT  sing N N 15 
HOH O   H1   sing N N 16 
HOH O   H2   sing N N 17 
LEU N   CA   sing N N 18 
LEU N   H    sing N N 19 
LEU N   H2   sing N N 20 
LEU CA  C    sing N N 21 
LEU CA  CB   sing N N 22 
LEU CA  HA   sing N N 23 
LEU C   O    doub N N 24 
LEU C   OXT  sing N N 25 
LEU CB  CG   sing N N 26 
LEU CB  HB2  sing N N 27 
LEU CB  HB3  sing N N 28 
LEU CG  CD1  sing N N 29 
LEU CG  CD2  sing N N 30 
LEU CG  HG   sing N N 31 
LEU CD1 HD11 sing N N 32 
LEU CD1 HD12 sing N N 33 
LEU CD1 HD13 sing N N 34 
LEU CD2 HD21 sing N N 35 
LEU CD2 HD22 sing N N 36 
LEU CD2 HD23 sing N N 37 
LEU OXT HXT  sing N N 38 
LYS N   CA   sing N N 39 
LYS N   H    sing N N 40 
LYS N   H2   sing N N 41 
LYS CA  C    sing N N 42 
LYS CA  CB   sing N N 43 
LYS CA  HA   sing N N 44 
LYS C   O    doub N N 45 
LYS C   OXT  sing N N 46 
LYS CB  CG   sing N N 47 
LYS CB  HB2  sing N N 48 
LYS CB  HB3  sing N N 49 
LYS CG  CD   sing N N 50 
LYS CG  HG2  sing N N 51 
LYS CG  HG3  sing N N 52 
LYS CD  CE   sing N N 53 
LYS CD  HD2  sing N N 54 
LYS CD  HD3  sing N N 55 
LYS CE  NZ   sing N N 56 
LYS CE  HE2  sing N N 57 
LYS CE  HE3  sing N N 58 
LYS NZ  HZ1  sing N N 59 
LYS NZ  HZ2  sing N N 60 
LYS NZ  HZ3  sing N N 61 
LYS OXT HXT  sing N N 62 
PHE N   CA   sing N N 63 
PHE N   H    sing N N 64 
PHE N   H2   sing N N 65 
PHE CA  C    sing N N 66 
PHE CA  CB   sing N N 67 
PHE CA  HA   sing N N 68 
PHE C   O    doub N N 69 
PHE C   OXT  sing N N 70 
PHE CB  CG   sing N N 71 
PHE CB  HB2  sing N N 72 
PHE CB  HB3  sing N N 73 
PHE CG  CD1  doub Y N 74 
PHE CG  CD2  sing Y N 75 
PHE CD1 CE1  sing Y N 76 
PHE CD1 HD1  sing N N 77 
PHE CD2 CE2  doub Y N 78 
PHE CD2 HD2  sing N N 79 
PHE CE1 CZ   doub Y N 80 
PHE CE1 HE1  sing N N 81 
PHE CE2 CZ   sing Y N 82 
PHE CE2 HE2  sing N N 83 
PHE CZ  HZ   sing N N 84 
PHE OXT HXT  sing N N 85 
SER N   CA   sing N N 86 
SER N   H    sing N N 87 
SER N   H2   sing N N 88 
SER CA  C    sing N N 89 
SER CA  CB   sing N N 90 
SER CA  HA   sing N N 91 
SER C   O    doub N N 92 
SER C   OXT  sing N N 93 
SER CB  OG   sing N N 94 
SER CB  HB2  sing N N 95 
SER CB  HB3  sing N N 96 
SER OG  HG   sing N N 97 
SER OXT HXT  sing N N 98 
# 
_atom_sites.entry_id                    3LOZ 
_atom_sites.fract_transf_matrix[1][1]   0.03003498 
_atom_sites.fract_transf_matrix[1][2]   -0.10168726 
_atom_sites.fract_transf_matrix[1][3]   -0.00387596 
_atom_sites.fract_transf_matrix[2][1]   0.00967028 
_atom_sites.fract_transf_matrix[2][2]   0.00112115 
_atom_sites.fract_transf_matrix[2][3]   0.04552169 
_atom_sites.fract_transf_matrix[3][1]   -0.02047471 
_atom_sites.fract_transf_matrix[3][2]   -0.00621916 
_atom_sites.fract_transf_matrix[3][3]   0.00450266 
_atom_sites.fract_transf_vector[1]      -0.210948 
_atom_sites.fract_transf_vector[2]      -0.262905 
_atom_sites.fract_transf_vector[3]      0.255367 
# 
loop_
_atom_type.symbol 
C 
N 
O 
# 
loop_
_atom_site.group_PDB 
_atom_site.id 
_atom_site.type_symbol 
_atom_site.label_atom_id 
_atom_site.label_alt_id 
_atom_site.label_comp_id 
_atom_site.label_asym_id 
_atom_site.label_entity_id 
_atom_site.label_seq_id 
_atom_site.pdbx_PDB_ins_code 
_atom_site.Cartn_x 
_atom_site.Cartn_y 
_atom_site.Cartn_z 
_atom_site.occupancy 
_atom_site.B_iso_or_equiv 
_atom_site.pdbx_formal_charge 
_atom_site.auth_seq_id 
_atom_site.auth_comp_id 
_atom_site.auth_asym_id 
_atom_site.auth_atom_id 
_atom_site.pdbx_PDB_model_num 
ATOM   1   N N   . LEU A 1 1 ? -2.592  -5.891 6.425   1.00 15.44 ? 1  LEU A N   1 
ATOM   2   C CA  . LEU A 1 1 ? -1.617  -5.865 5.300   1.00 15.34 ? 1  LEU A CA  1 
ATOM   3   C C   . LEU A 1 1 ? -0.535  -4.836 5.601   1.00 15.90 ? 1  LEU A C   1 
ATOM   4   O O   . LEU A 1 1 ? -0.849  -3.678 5.920   1.00 14.86 ? 1  LEU A O   1 
ATOM   5   C CB  . LEU A 1 1 ? -2.325  -5.521 3.991   1.00 15.64 ? 1  LEU A CB  1 
ATOM   6   C CG  . LEU A 1 1 ? -1.481  -5.547 2.701   1.00 18.15 ? 1  LEU A CG  1 
ATOM   7   C CD1 . LEU A 1 1 ? -2.363  -5.781 1.478   1.00 18.73 ? 1  LEU A CD1 1 
ATOM   8   C CD2 . LEU A 1 1 ? -0.659  -4.270 2.522   1.00 17.11 ? 1  LEU A CD2 1 
ATOM   9   N N   . SER A 1 2 ? 0.730   -5.254 5.512   1.00 14.49 ? 2  SER A N   1 
ATOM   10  C CA  . SER A 1 2 ? 1.850   -4.344 5.740   1.00 14.98 ? 2  SER A CA  1 
ATOM   11  C C   . SER A 1 2 ? 3.064   -4.656 4.858   1.00 13.76 ? 2  SER A C   1 
ATOM   12  O O   . SER A 1 2 ? 3.388   -5.823 4.604   1.00 14.05 ? 2  SER A O   1 
ATOM   13  C CB  . SER A 1 2 ? 2.252   -4.321 7.223   1.00 15.52 ? 2  SER A CB  1 
ATOM   14  O OG  . SER A 1 2 ? 2.913   -5.507 7.598   1.00 20.89 ? 2  SER A OG  1 
ATOM   15  N N   . PHE A 1 3 ? 3.733   -3.588 4.428   1.00 12.07 ? 3  PHE A N   1 
ATOM   16  C CA  . PHE A 1 3 ? 4.896   -3.660 3.550   1.00 11.96 ? 3  PHE A CA  1 
ATOM   17  C C   . PHE A 1 3 ? 5.989   -2.723 4.069   1.00 11.72 ? 3  PHE A C   1 
ATOM   18  O O   . PHE A 1 3 ? 5.694   -1.602 4.510   1.00 10.30 ? 3  PHE A O   1 
ATOM   19  C CB  . PHE A 1 3 ? 4.501   -3.265 2.116   1.00 11.38 ? 3  PHE A CB  1 
ATOM   20  C CG  . PHE A 1 3 ? 5.680   -3.002 1.217   1.00 10.97 ? 3  PHE A CG  1 
ATOM   21  C CD1 . PHE A 1 3 ? 6.289   -4.038 0.537   1.00 10.83 ? 3  PHE A CD1 1 
ATOM   22  C CD2 . PHE A 1 3 ? 6.209   -1.727 1.098   1.00 9.70  ? 3  PHE A CD2 1 
ATOM   23  C CE1 . PHE A 1 3 ? 7.383   -3.806 -0.258  1.00 12.06 ? 3  PHE A CE1 1 
ATOM   24  C CE2 . PHE A 1 3 ? 7.318   -1.494 0.319   1.00 11.59 ? 3  PHE A CE2 1 
ATOM   25  C CZ  . PHE A 1 3 ? 7.899   -2.533 -0.366  1.00 12.22 ? 3  PHE A CZ  1 
ATOM   26  N N   . SER A 1 4 ? 7.241   -3.176 4.014   1.00 11.82 ? 4  SER A N   1 
ATOM   27  C CA  . SER A 1 4 ? 8.380   -2.305 4.297   1.00 13.41 ? 4  SER A CA  1 
ATOM   28  C C   . SER A 1 4 ? 9.589   -2.604 3.408   1.00 13.00 ? 4  SER A C   1 
ATOM   29  O O   . SER A 1 4 ? 9.811   -3.742 2.994   1.00 13.31 ? 4  SER A O   1 
ATOM   30  C CB  . SER A 1 4 ? 8.795   -2.426 5.772   1.00 13.26 ? 4  SER A CB  1 
ATOM   31  O OG  . SER A 1 4 ? 9.417   -3.672 6.000   1.00 18.39 ? 4  SER A OG  1 
ATOM   32  N N   . LYS A 1 5 ? 10.360  -1.560 3.126   1.00 12.99 ? 5  LYS A N   1 
ATOM   33  C CA  . LYS A 1 5 ? 11.654  -1.692 2.479   1.00 14.44 ? 5  LYS A CA  1 
ATOM   34  C C   . LYS A 1 5 ? 12.653  -0.761 3.173   1.00 14.64 ? 5  LYS A C   1 
ATOM   35  O O   . LYS A 1 5 ? 12.313  0.365  3.558   1.00 14.77 ? 5  LYS A O   1 
ATOM   36  C CB  . LYS A 1 5 ? 11.545  -1.348 0.996   1.00 14.04 ? 5  LYS A CB  1 
ATOM   37  C CG  . LYS A 1 5 ? 12.758  -1.751 0.186   1.00 16.82 ? 5  LYS A CG  1 
ATOM   38  C CD  . LYS A 1 5 ? 12.677  -1.238 -1.229  1.00 20.09 ? 5  LYS A CD  1 
ATOM   39  C CE  . LYS A 1 5 ? 13.898  -1.673 -2.021  1.00 23.60 ? 5  LYS A CE  1 
ATOM   40  N NZ  . LYS A 1 5 ? 13.987  -0.953 -3.316  1.00 22.66 ? 5  LYS A NZ  1 
ATOM   41  N N   . ASP A 1 6 ? 13.883  -1.230 3.331   1.00 15.79 ? 6  ASP A N   1 
ATOM   42  C CA  . ASP A 1 6 ? 14.909  -0.453 4.023   1.00 17.94 ? 6  ASP A CA  1 
ATOM   43  C C   . ASP A 1 6 ? 15.732  0.413  3.061   1.00 19.21 ? 6  ASP A C   1 
ATOM   44  O O   . ASP A 1 6 ? 15.556  0.384  1.844   1.00 18.05 ? 6  ASP A O   1 
ATOM   45  C CB  . ASP A 1 6 ? 15.819  -1.388 4.820   1.00 18.53 ? 6  ASP A CB  1 
ATOM   46  C CG  . ASP A 1 6 ? 15.049  -2.237 5.810   1.00 20.39 ? 6  ASP A CG  1 
ATOM   47  O OD1 . ASP A 1 6 ? 14.074  -1.716 6.393   1.00 21.85 ? 6  ASP A OD1 1 
ATOM   48  O OD2 . ASP A 1 6 ? 15.412  -3.421 5.996   1.00 23.32 ? 6  ASP A OD2 1 
ATOM   49  O OXT . ASP A 1 6 ? 16.595  1.186  3.491   1.00 21.08 ? 6  ASP A OXT 1 
ATOM   50  N N   . LEU B 1 1 ? 10.711  3.118  3.386   1.00 13.67 ? 1  LEU B N   1 
ATOM   51  C CA  . LEU B 1 1 ? 9.457   3.027  2.591   1.00 13.58 ? 1  LEU B CA  1 
ATOM   52  C C   . LEU B 1 1 ? 8.527   2.007  3.233   1.00 13.95 ? 1  LEU B C   1 
ATOM   53  O O   . LEU B 1 1 ? 8.932   0.870  3.493   1.00 14.51 ? 1  LEU B O   1 
ATOM   54  C CB  . LEU B 1 1 ? 9.765   2.630  1.148   1.00 13.98 ? 1  LEU B CB  1 
ATOM   55  C CG  . LEU B 1 1 ? 8.611   2.717  0.139   1.00 16.71 ? 1  LEU B CG  1 
ATOM   56  C CD1 . LEU B 1 1 ? 8.098   4.148  0.003   1.00 18.49 ? 1  LEU B CD1 1 
ATOM   57  C CD2 . LEU B 1 1 ? 9.039   2.180  -1.219  1.00 18.92 ? 1  LEU B CD2 1 
ATOM   58  N N   . SER B 1 2 ? 7.289   2.421  3.502   1.00 13.25 ? 2  SER B N   1 
ATOM   59  C CA  . SER B 1 2 ? 6.334   1.597  4.241   1.00 13.79 ? 2  SER B CA  1 
ATOM   60  C C   . SER B 1 2 ? 4.887   1.875  3.830   1.00 12.16 ? 2  SER B C   1 
ATOM   61  O O   . SER B 1 2 ? 4.522   3.018  3.535   1.00 10.79 ? 2  SER B O   1 
ATOM   62  C CB  . SER B 1 2 ? 6.462   1.867  5.743   1.00 14.31 ? 2  SER B CB  1 
ATOM   63  O OG  . SER B 1 2 ? 7.702   1.412  6.238   1.00 21.13 ? 2  SER B OG  1 
ATOM   64  N N   . PHE B 1 3 ? 4.073   0.823  3.849   1.00 11.27 ? 3  PHE B N   1 
ATOM   65  C CA  . PHE B 1 3 ? 2.643   0.928  3.608   1.00 10.91 ? 3  PHE B CA  1 
ATOM   66  C C   . PHE B 1 3 ? 1.925   -0.063 4.521   1.00 11.66 ? 3  PHE B C   1 
ATOM   67  O O   . PHE B 1 3 ? 2.411   -1.179 4.722   1.00 12.92 ? 3  PHE B O   1 
ATOM   68  C CB  . PHE B 1 3 ? 2.322   0.656  2.128   1.00 11.69 ? 3  PHE B CB  1 
ATOM   69  C CG  . PHE B 1 3 ? 0.853   0.653  1.817   1.00 12.01 ? 3  PHE B CG  1 
ATOM   70  C CD1 . PHE B 1 3 ? 0.206   1.819  1.479   1.00 11.05 ? 3  PHE B CD1 1 
ATOM   71  C CD2 . PHE B 1 3 ? 0.117   -0.522 1.892   1.00 13.82 ? 3  PHE B CD2 1 
ATOM   72  C CE1 . PHE B 1 3 ? -1.146  1.821  1.200   1.00 14.83 ? 3  PHE B CE1 1 
ATOM   73  C CE2 . PHE B 1 3 ? -1.240  -0.528 1.619   1.00 13.75 ? 3  PHE B CE2 1 
ATOM   74  C CZ  . PHE B 1 3 ? -1.874  0.639  1.273   1.00 11.96 ? 3  PHE B CZ  1 
ATOM   75  N N   . SER B 1 4 ? 0.803   0.357  5.109   1.00 11.69 ? 4  SER B N   1 
ATOM   76  C CA  A SER B 1 4 ? -0.041  -0.518 5.940   0.50 12.31 ? 4  SER B CA  1 
ATOM   77  C CA  B SER B 1 4 ? -0.047  -0.560 5.873   0.50 11.30 ? 4  SER B CA  1 
ATOM   78  C C   . SER B 1 4 ? -1.522  -0.206 5.747   1.00 11.87 ? 4  SER B C   1 
ATOM   79  O O   . SER B 1 4 ? -1.890  0.962  5.606   1.00 10.66 ? 4  SER B O   1 
ATOM   80  C CB  A SER B 1 4 ? 0.297   -0.343 7.421   0.50 12.22 ? 4  SER B CB  1 
ATOM   81  C CB  B SER B 1 4 ? 0.360   -0.602 7.349   0.50 11.18 ? 4  SER B CB  1 
ATOM   82  O OG  A SER B 1 4 ? 1.668   -0.585 7.673   0.50 15.86 ? 4  SER B OG  1 
ATOM   83  O OG  B SER B 1 4 ? 0.336   0.684  7.935   0.50 8.43  ? 4  SER B OG  1 
ATOM   84  N N   . LYS B 1 5 ? -2.359  -1.246 5.779   1.00 13.41 ? 5  LYS B N   1 
ATOM   85  C CA  . LYS B 1 5 ? -3.814  -1.110 5.727   1.00 15.68 ? 5  LYS B CA  1 
ATOM   86  C C   . LYS B 1 5 ? -4.457  -2.247 6.526   1.00 17.58 ? 5  LYS B C   1 
ATOM   87  O O   . LYS B 1 5 ? -4.216  -3.423 6.246   1.00 17.71 ? 5  LYS B O   1 
ATOM   88  C CB  . LYS B 1 5 ? -4.305  -1.154 4.277   1.00 16.94 ? 5  LYS B CB  1 
ATOM   89  C CG  . LYS B 1 5 ? -5.800  -1.484 4.099   1.00 20.71 ? 5  LYS B CG  1 
ATOM   90  C CD  . LYS B 1 5 ? -6.690  -0.359 4.548   1.00 21.47 ? 5  LYS B CD  1 
ATOM   91  C CE  . LYS B 1 5 ? -8.142  -0.558 4.094   1.00 23.59 ? 5  LYS B CE  1 
ATOM   92  N NZ  . LYS B 1 5 ? -8.939  -1.419 5.009   1.00 21.89 ? 5  LYS B NZ  1 
ATOM   93  N N   . ASP B 1 6 ? -5.275  -1.894 7.508   1.00 19.16 ? 6  ASP B N   1 
ATOM   94  C CA  . ASP B 1 6 ? -6.054  -2.877 8.260   1.00 21.13 ? 6  ASP B CA  1 
ATOM   95  C C   . ASP B 1 6 ? -7.546  -2.771 7.921   1.00 21.23 ? 6  ASP B C   1 
ATOM   96  O O   . ASP B 1 6 ? -8.070  -1.717 7.551   1.00 21.10 ? 6  ASP B O   1 
ATOM   97  C CB  . ASP B 1 6 ? -5.840  -2.676 9.753   1.00 21.96 ? 6  ASP B CB  1 
ATOM   98  C CG  . ASP B 1 6 ? -4.367  -2.671 10.135  1.00 25.12 ? 6  ASP B CG  1 
ATOM   99  O OD1 . ASP B 1 6 ? -3.657  -3.657 9.845   1.00 28.38 ? 6  ASP B OD1 1 
ATOM   100 O OD2 . ASP B 1 6 ? -3.924  -1.671 10.728  1.00 31.60 ? 6  ASP B OD2 1 
ATOM   101 O OXT . ASP B 1 6 ? -8.276  -3.757 7.998   1.00 22.26 ? 6  ASP B OXT 1 
ATOM   102 N N   . LEU C 1 1 ? -11.572 1.620  -2.992  1.00 13.42 ? 1  LEU C N   1 
ATOM   103 C CA  . LEU C 1 1 ? -10.471 2.233  -2.197  1.00 14.45 ? 1  LEU C CA  1 
ATOM   104 C C   . LEU C 1 1 ? -9.127  1.940  -2.860  1.00 14.55 ? 1  LEU C C   1 
ATOM   105 O O   . LEU C 1 1 ? -8.820  0.784  -3.165  1.00 15.66 ? 1  LEU C O   1 
ATOM   106 C CB  . LEU C 1 1 ? -10.484 1.688  -0.767  1.00 14.68 ? 1  LEU C CB  1 
ATOM   107 C CG  . LEU C 1 1 ? -9.510  2.294  0.251   1.00 16.77 ? 1  LEU C CG  1 
ATOM   108 C CD1 . LEU C 1 1 ? -9.831  3.757  0.535   1.00 18.43 ? 1  LEU C CD1 1 
ATOM   109 C CD2 . LEU C 1 1 ? -9.535  1.490  1.538   1.00 17.47 ? 1  LEU C CD2 1 
ATOM   110 N N   . SER C 1 2 ? -8.327  2.981  -3.089  1.00 13.46 ? 2  SER C N   1 
ATOM   111 C CA  . SER C 1 2 ? -7.045  2.812  -3.762  1.00 13.85 ? 2  SER C CA  1 
ATOM   112 C C   . SER C 1 2 ? -5.991  3.837  -3.337  1.00 12.98 ? 2  SER C C   1 
ATOM   113 O O   . SER C 1 2 ? -6.306  4.977  -2.983  1.00 13.04 ? 2  SER C O   1 
ATOM   114 C CB  . SER C 1 2 ? -7.238  2.865  -5.283  1.00 14.55 ? 2  SER C CB  1 
ATOM   115 O OG  . SER C 1 2 ? -7.619  4.160  -5.709  1.00 18.54 ? 2  SER C OG  1 
ATOM   116 N N   . PHE C 1 3 ? -4.733  3.413  -3.387  1.00 12.35 ? 3  PHE C N   1 
ATOM   117 C CA  . PHE C 1 3 ? -3.595  4.282  -3.129  1.00 11.87 ? 3  PHE C CA  1 
ATOM   118 C C   . PHE C 1 3 ? -2.467  3.882  -4.074  1.00 12.42 ? 3  PHE C C   1 
ATOM   119 O O   . PHE C 1 3 ? -2.253  2.692  -4.314  1.00 12.80 ? 3  PHE C O   1 
ATOM   120 C CB  . PHE C 1 3 ? -3.147  4.160  -1.663  1.00 12.24 ? 3  PHE C CB  1 
ATOM   121 C CG  . PHE C 1 3 ? -1.902  4.930  -1.348  1.00 11.50 ? 3  PHE C CG  1 
ATOM   122 C CD1 . PHE C 1 3 ? -1.976  6.248  -0.947  1.00 12.56 ? 3  PHE C CD1 1 
ATOM   123 C CD2 . PHE C 1 3 ? -0.648  4.338  -1.482  1.00 14.16 ? 3  PHE C CD2 1 
ATOM   124 C CE1 . PHE C 1 3 ? -0.820  6.971  -0.667  1.00 14.47 ? 3  PHE C CE1 1 
ATOM   125 C CE2 . PHE C 1 3 ? 0.512   5.052  -1.213  1.00 11.81 ? 3  PHE C CE2 1 
ATOM   126 C CZ  . PHE C 1 3 ? 0.430   6.363  -0.807  1.00 11.23 ? 3  PHE C CZ  1 
ATOM   127 N N   . SER C 1 4 ? -1.768  4.871  -4.629  1.00 12.17 ? 4  SER C N   1 
ATOM   128 C CA  . SER C 1 4 ? -0.549  4.616  -5.404  1.00 12.58 ? 4  SER C CA  1 
ATOM   129 C C   . SER C 1 4 ? 0.498   5.710  -5.221  1.00 13.31 ? 4  SER C C   1 
ATOM   130 O O   . SER C 1 4 ? 0.166   6.881  -5.008  1.00 10.38 ? 4  SER C O   1 
ATOM   131 C CB  . SER C 1 4 ? -0.864  4.444  -6.893  1.00 12.64 ? 4  SER C CB  1 
ATOM   132 O OG  . SER C 1 4 ? -1.457  5.608  -7.425  1.00 15.33 ? 4  SER C OG  1 
ATOM   133 N N   . LYS C 1 5 ? 1.766   5.311  -5.309  1.00 14.88 ? 5  LYS C N   1 
ATOM   134 C CA  . LYS C 1 5 ? 2.892   6.235  -5.207  1.00 17.05 ? 5  LYS C CA  1 
ATOM   135 C C   . LYS C 1 5 ? 4.051   5.693  -6.031  1.00 19.23 ? 5  LYS C C   1 
ATOM   136 O O   . LYS C 1 5 ? 4.506   4.571  -5.805  1.00 20.60 ? 5  LYS C O   1 
ATOM   137 C CB  . LYS C 1 5 ? 3.318   6.388  -3.742  1.00 18.16 ? 5  LYS C CB  1 
ATOM   138 C CG  . LYS C 1 5 ? 4.162   7.624  -3.452  1.00 19.02 ? 5  LYS C CG  1 
ATOM   139 C CD  . LYS C 1 5 ? 5.626   7.404  -3.777  1.00 22.34 ? 5  LYS C CD  1 
ATOM   140 C CE  . LYS C 1 5 ? 6.453   8.636  -3.480  1.00 21.85 ? 5  LYS C CE  1 
ATOM   141 N NZ  . LYS C 1 5 ? 7.555   8.766  -4.468  1.00 23.16 ? 5  LYS C NZ  1 
ATOM   142 N N   . ASP C 1 6 ? 4.510   6.482  -6.994  1.00 19.81 ? 6  ASP C N   1 
ATOM   143 C CA  . ASP C 1 6 ? 5.664   6.124  -7.816  1.00 21.81 ? 6  ASP C CA  1 
ATOM   144 C C   . ASP C 1 6 ? 6.879   6.999  -7.478  1.00 21.31 ? 6  ASP C C   1 
ATOM   145 O O   . ASP C 1 6 ? 8.023   6.548  -7.573  1.00 20.40 ? 6  ASP C O   1 
ATOM   146 C CB  . ASP C 1 6 ? 5.304   6.272  -9.294  1.00 22.70 ? 6  ASP C CB  1 
ATOM   147 C CG  . ASP C 1 6 ? 4.147   5.359  -9.719  1.00 28.09 ? 6  ASP C CG  1 
ATOM   148 O OD1 . ASP C 1 6 ? 3.500   5.670  -10.740 1.00 30.69 ? 6  ASP C OD1 1 
ATOM   149 O OD2 . ASP C 1 6 ? 3.888   4.337  -9.039  1.00 34.07 ? 6  ASP C OD2 1 
ATOM   150 O OXT . ASP C 1 6 ? 6.761   8.170  -7.095  1.00 20.43 ? 6  ASP C OXT 1 
ATOM   151 N N   . LEU D 1 1 ? 4.456   1.463  -6.097  1.00 17.89 ? 1  LEU D N   1 
ATOM   152 C CA  . LEU D 1 1 ? 3.671   1.061  -4.893  1.00 17.65 ? 1  LEU D CA  1 
ATOM   153 C C   . LEU D 1 1 ? 2.205   1.317  -5.231  1.00 17.47 ? 1  LEU D C   1 
ATOM   154 O O   . LEU D 1 1 ? 1.823   2.472  -5.470  1.00 16.97 ? 1  LEU D O   1 
ATOM   155 C CB  . LEU D 1 1 ? 4.118   1.893  -3.694  1.00 18.35 ? 1  LEU D CB  1 
ATOM   156 C CG  . LEU D 1 1 ? 3.518   1.764  -2.280  1.00 20.14 ? 1  LEU D CG  1 
ATOM   157 C CD1 . LEU D 1 1 ? 1.989   1.689  -2.284  1.00 17.35 ? 1  LEU D CD1 1 
ATOM   158 C CD2 . LEU D 1 1 ? 4.108   0.594  -1.531  1.00 20.13 ? 1  LEU D CD2 1 
ATOM   159 N N   . SER D 1 2 ? 1.395   0.253  -5.270  1.00 15.58 ? 2  SER D N   1 
ATOM   160 C CA  A SER D 1 2 ? -0.029  0.370  -5.591  0.50 15.77 ? 2  SER D CA  1 
ATOM   161 C CA  B SER D 1 2 ? -0.032  0.377  -5.577  0.50 15.93 ? 2  SER D CA  1 
ATOM   162 C C   . SER D 1 2 ? -0.872  -0.517 -4.671  1.00 15.20 ? 2  SER D C   1 
ATOM   163 O O   . SER D 1 2 ? -0.462  -1.628 -4.332  1.00 16.07 ? 2  SER D O   1 
ATOM   164 C CB  A SER D 1 2 ? -0.269  -0.005 -7.056  0.50 16.30 ? 2  SER D CB  1 
ATOM   165 C CB  B SER D 1 2 ? -0.301  0.026  -7.041  0.50 16.46 ? 2  SER D CB  1 
ATOM   166 O OG  A SER D 1 2 ? -1.595  0.287  -7.468  0.50 17.78 ? 2  SER D OG  1 
ATOM   167 O OG  B SER D 1 2 ? -0.455  -1.375 -7.212  0.50 18.98 ? 2  SER D OG  1 
ATOM   168 N N   . PHE D 1 3 ? -2.051  -0.026 -4.290  1.00 12.76 ? 3  PHE D N   1 
ATOM   169 C CA  . PHE D 1 3 ? -2.983  -0.763 -3.430  1.00 12.13 ? 3  PHE D CA  1 
ATOM   170 C C   . PHE D 1 3 ? -4.418  -0.569 -3.924  1.00 11.91 ? 3  PHE D C   1 
ATOM   171 O O   . PHE D 1 3 ? -4.789  0.528  -4.349  1.00 10.50 ? 3  PHE D O   1 
ATOM   172 C CB  . PHE D 1 3 ? -2.862  -0.302 -1.968  1.00 12.03 ? 3  PHE D CB  1 
ATOM   173 C CG  . PHE D 1 3 ? -3.962  -0.820 -1.079  1.00 11.01 ? 3  PHE D CG  1 
ATOM   174 C CD1 . PHE D 1 3 ? -3.879  -2.083 -0.525  1.00 12.59 ? 3  PHE D CD1 1 
ATOM   175 C CD2 . PHE D 1 3 ? -5.094  -0.053 -0.827  1.00 11.10 ? 3  PHE D CD2 1 
ATOM   176 C CE1 . PHE D 1 3 ? -4.890  -2.571 0.270   1.00 12.72 ? 3  PHE D CE1 1 
ATOM   177 C CE2 . PHE D 1 3 ? -6.120  -0.540 -0.047  1.00 12.33 ? 3  PHE D CE2 1 
ATOM   178 C CZ  . PHE D 1 3 ? -6.017  -1.800 0.509   1.00 12.22 ? 3  PHE D CZ  1 
ATOM   179 N N   . SER D 1 4 ? -5.214  -1.635 -3.860  1.00 11.92 ? 4  SER D N   1 
ATOM   180 C CA  A SER D 1 4 ? -6.625  -1.576 -4.224  1.00 13.55 ? 4  SER D CA  1 
ATOM   181 C CA  B SER D 1 4 ? -6.660  -1.483 -4.167  0.00 12.51 ? 4  SER D CA  1 
ATOM   182 C C   . SER D 1 4 ? -7.467  -2.499 -3.340  1.00 13.66 ? 4  SER D C   1 
ATOM   183 O O   . SER D 1 4 ? -7.016  -3.571 -2.938  1.00 14.16 ? 4  SER D O   1 
ATOM   184 C CB  A SER D 1 4 ? -6.804  -1.965 -5.702  1.00 13.95 ? 4  SER D CB  1 
ATOM   185 C CB  B SER D 1 4 ? -6.917  -1.690 -5.664  0.00 12.87 ? 4  SER D CB  1 
ATOM   186 O OG  A SER D 1 4 ? -8.017  -1.440 -6.207  1.00 18.14 ? 4  SER D OG  1 
ATOM   187 O OG  B SER D 1 4 ? -6.488  -2.967 -6.090  0.00 14.76 ? 4  SER D OG  1 
ATOM   188 N N   . LYS D 1 5 ? -8.689  -2.069 -3.040  1.00 13.70 ? 5  LYS D N   1 
ATOM   189 C CA  . LYS D 1 5 ? -9.676  -2.909 -2.377  1.00 14.24 ? 5  LYS D CA  1 
ATOM   190 C C   . LYS D 1 5 ? -11.044 -2.621 -2.972  1.00 14.85 ? 5  LYS D C   1 
ATOM   191 O O   . LYS D 1 5 ? -11.403 -1.462 -3.191  1.00 14.64 ? 5  LYS D O   1 
ATOM   192 C CB  . LYS D 1 5 ? -9.708  -2.654 -0.869  1.00 14.45 ? 5  LYS D CB  1 
ATOM   193 C CG  . LYS D 1 5 ? -10.540 -3.682 -0.107  1.00 17.29 ? 5  LYS D CG  1 
ATOM   194 C CD  . LYS D 1 5 ? -10.793 -3.286 1.330   1.00 19.59 ? 5  LYS D CD  1 
ATOM   195 C CE  . LYS D 1 5 ? -11.641 -4.343 2.013   1.00 22.35 ? 5  LYS D CE  1 
ATOM   196 N NZ  . LYS D 1 5 ? -12.093 -3.933 3.362   1.00 21.82 ? 5  LYS D NZ  1 
ATOM   197 N N   . ASP D 1 6 ? -11.805 -3.678 -3.225  1.00 16.10 ? 6  ASP D N   1 
ATOM   198 C CA  . ASP D 1 6 ? -13.111 -3.546 -3.856  1.00 17.99 ? 6  ASP D CA  1 
ATOM   199 C C   . ASP D 1 6 ? -14.210 -3.356 -2.809  1.00 19.37 ? 6  ASP D C   1 
ATOM   200 O O   . ASP D 1 6 ? -13.960 -3.306 -1.602  1.00 19.49 ? 6  ASP D O   1 
ATOM   201 C CB  . ASP D 1 6 ? -13.396 -4.767 -4.726  1.00 18.10 ? 6  ASP D CB  1 
ATOM   202 C CG  . ASP D 1 6 ? -12.335 -4.983 -5.786  1.00 20.03 ? 6  ASP D CG  1 
ATOM   203 O OD1 . ASP D 1 6 ? -11.799 -3.971 -6.295  1.00 18.35 ? 6  ASP D OD1 1 
ATOM   204 O OD2 . ASP D 1 6 ? -12.038 -6.158 -6.097  1.00 21.51 ? 6  ASP D OD2 1 
ATOM   205 O OXT . ASP D 1 6 ? -15.381 -3.229 -3.156  1.00 20.29 ? 6  ASP D OXT 1 
HETATM 206 O O   . HOH E 2 . ? -2.686  -8.081 7.901   1.00 21.76 ? 7  HOH A O   1 
HETATM 207 O O   . HOH E 2 . ? -0.872  -6.337 8.700   1.00 33.70 ? 12 HOH A O   1 
HETATM 208 O O   . HOH E 2 . ? 12.050  -4.382 5.851   1.00 28.83 ? 13 HOH A O   1 
HETATM 209 O O   . HOH E 2 . ? 12.809  1.174  6.464   1.00 28.01 ? 17 HOH A O   1 
HETATM 210 O O   . HOH F 2 . ? 3.753   4.767  9.327   1.00 31.11 ? 7  HOH B O   1 
HETATM 211 O O   . HOH F 2 . ? 4.602   -1.306 7.457   1.00 24.16 ? 8  HOH B O   1 
HETATM 212 O O   . HOH F 2 . ? 3.055   2.106  7.448   1.00 30.93 ? 9  HOH B O   1 
HETATM 213 O O   . HOH F 2 . ? -0.086  -2.919 10.374  1.00 34.22 ? 10 HOH B O   1 
HETATM 214 O O   . HOH F 2 . ? -8.323  0.063  9.581   1.00 32.44 ? 16 HOH B O   1 
HETATM 215 O O   . HOH G 2 . ? 4.905   9.569  -11.561 1.00 18.68 ? 8  HOH C O   1 
HETATM 216 O O   . HOH G 2 . ? 3.004   9.048  -7.589  1.00 20.69 ? 14 HOH C O   1 
HETATM 217 O O   . HOH G 2 . ? 6.094   9.834  -8.970  1.00 28.98 ? 15 HOH C O   1 
HETATM 218 O O   . HOH H 2 . ? -4.078  1.591  -6.956  1.00 22.07 ? 7  HOH D O   1 
HETATM 219 O O   . HOH H 2 . ? -2.750  -3.291 -6.402  1.00 24.36 ? 8  HOH D O   1 
HETATM 220 O O   . HOH H 2 . ? -8.436  -5.343 -5.486  1.00 28.20 ? 9  HOH D O   1 
HETATM 221 O O   . HOH H 2 . ? 3.326   1.311  -8.653  1.00 30.12 ? 10 HOH D O   1 
HETATM 222 O O   . HOH H 2 . ? 3.780   -1.129 -8.985  1.00 29.57 ? 11 HOH D O   1 
# 
